data_6QYK
#
_entry.id   6QYK
#
_cell.length_a   97.545
_cell.length_b   133.748
_cell.length_c   37.338
_cell.angle_alpha   90.000
_cell.angle_beta   90.000
_cell.angle_gamma   90.000
#
_symmetry.space_group_name_H-M   'P 21 21 2'
#
loop_
_entity.id
_entity.type
_entity.pdbx_description
1 polymer 'Maltose/maltodextrin-binding periplasmic protein,Induced myeloid leukemia cell differentiation protein Mcl-1'
2 branched alpha-D-glucopyranose-(1-4)-alpha-D-glucopyranose
3 non-polymer '(2~{R})-2-[6-ethyl-5-(1~{H}-indol-5-yl)thieno[2,3-d]pyrimidin-4-yl]oxypropanoic acid'
4 water water
#
_entity_poly.entity_id   1
_entity_poly.type   'polypeptide(L)'
_entity_poly.pdbx_seq_one_letter_code
;MKIEEGKLVIWINGDKGYNGLAEVGKKFEKDTGIKVTVEHPDKLEEKFPQVAATGDGPDIIFWAHDRFGGYAQSGLLAEI
TPDKAFQDKLYPFTWDAVRYNGKLIAYPIAVEALSLIYNKDLLPNPPKTWEEIPALDKELKAKGKSALMFNLQEPYFTWP
LIAADGGYAFKYAAGKYDIKDVGVDNAGAKAGLTFLVDLIKNKHMNADTDYSIAEAAFNKGETAMTINGPWAWSNIDTSA
VNYGVTVLPTFKGQPSKPFVGVLSAGINAASPNKELAKEFLENYLLTDEGLEAVNKDKPLGAVALKSYEEELAKDPRIAA
TMENAQKGEIMPNIPQMSAFWYAVRTAVINAASGRQTVDEALKDAQTGSELYRQSLEIISRYLREQATGAADTAPMGASG
ATSRKALETLRRVGDGVQRNHETAFQGMLRKLDIKNEDDVKSLSRVMIHVFSDGVTNWGRIVTLISFGAFVAKHLKTINQ
ESCIEPLAESITDVLVRTKRDWLVKQRGWDGFVEFFHV
;
_entity_poly.pdbx_strand_id   A
#
loop_
_chem_comp.id
_chem_comp.type
_chem_comp.name
_chem_comp.formula
GLC D-saccharide, alpha linking alpha-D-glucopyranose 'C6 H12 O6'
JLB non-polymer '(2~{R})-2-[6-ethyl-5-(1~{H}-indol-5-yl)thieno[2,3-d]pyrimidin-4-yl]oxypropanoic acid' 'C19 H17 N3 O3 S'
#
# COMPACT_ATOMS: atom_id res chain seq x y z
N MET A 1 -16.11 8.64 22.97
CA MET A 1 -15.14 8.55 21.83
C MET A 1 -13.71 8.67 22.35
N LYS A 2 -12.78 7.90 21.78
CA LYS A 2 -11.40 7.83 22.30
C LYS A 2 -10.55 9.13 22.09
N ILE A 3 -10.53 9.66 20.87
CA ILE A 3 -9.63 10.76 20.50
C ILE A 3 -9.89 12.09 21.24
N GLU A 4 -8.84 12.67 21.82
CA GLU A 4 -8.98 13.92 22.58
C GLU A 4 -9.29 15.15 21.72
N GLU A 5 -10.29 15.87 22.17
CA GLU A 5 -10.69 17.06 21.47
C GLU A 5 -9.87 18.18 22.07
N GLY A 6 -9.61 19.21 21.27
CA GLY A 6 -8.89 20.41 21.71
C GLY A 6 -7.38 20.34 21.56
N LYS A 7 -6.90 19.31 20.88
CA LYS A 7 -5.48 19.15 20.61
C LYS A 7 -5.29 18.33 19.36
N LEU A 8 -4.10 18.29 18.82
CA LEU A 8 -3.91 17.52 17.59
C LEU A 8 -2.83 16.57 17.79
N VAL A 9 -3.08 15.32 17.50
CA VAL A 9 -2.06 14.35 17.46
C VAL A 9 -1.79 14.00 16.04
N ILE A 10 -0.53 14.09 15.63
CA ILE A 10 -0.14 13.78 14.26
C ILE A 10 0.83 12.62 14.25
N TRP A 11 0.62 11.71 13.30
CA TRP A 11 1.49 10.61 13.06
C TRP A 11 2.17 10.84 11.71
N ILE A 12 3.48 10.76 11.72
CA ILE A 12 4.24 10.75 10.52
C ILE A 12 5.37 9.78 10.73
N ASN A 13 5.84 9.26 9.61
CA ASN A 13 6.82 8.21 9.62
C ASN A 13 8.14 8.75 10.06
N GLY A 14 8.91 7.91 10.77
CA GLY A 14 10.14 8.32 11.45
C GLY A 14 11.33 8.66 10.57
N ASP A 15 11.21 8.49 9.27
CA ASP A 15 12.27 8.88 8.33
C ASP A 15 11.95 10.24 7.75
N LYS A 16 10.77 10.79 8.04
CA LYS A 16 10.39 12.10 7.56
C LYS A 16 10.74 13.17 8.59
N GLY A 17 10.55 14.44 8.18
CA GLY A 17 10.82 15.58 9.01
C GLY A 17 9.82 15.86 10.13
N TYR A 18 9.83 14.97 11.11
CA TYR A 18 8.97 15.13 12.24
C TYR A 18 9.30 16.25 13.17
N ASN A 19 10.56 16.57 13.35
CA ASN A 19 10.93 17.71 14.18
C ASN A 19 10.54 19.01 13.53
N GLY A 20 10.79 19.10 12.22
CA GLY A 20 10.37 20.20 11.44
C GLY A 20 8.87 20.33 11.56
N LEU A 21 8.15 19.20 11.40
CA LEU A 21 6.68 19.26 11.50
C LEU A 21 6.19 19.82 12.85
N ALA A 22 6.75 19.27 13.95
CA ALA A 22 6.43 19.68 15.33
C ALA A 22 6.66 21.19 15.56
N GLU A 23 7.69 21.71 14.93
CA GLU A 23 7.95 23.15 14.84
C GLU A 23 6.75 23.84 14.16
N VAL A 24 6.22 23.23 13.11
CA VAL A 24 5.07 23.80 12.48
C VAL A 24 3.91 23.75 13.50
N GLY A 25 3.93 22.69 14.30
CA GLY A 25 2.98 22.48 15.34
C GLY A 25 3.09 23.48 16.46
N LYS A 26 4.29 23.91 16.78
CA LYS A 26 4.50 24.97 17.75
C LYS A 26 3.92 26.28 17.31
N LYS A 27 4.07 26.59 16.03
CA LYS A 27 3.61 27.83 15.44
C LYS A 27 2.13 27.92 15.52
N PHE A 28 1.49 26.79 15.24
CA PHE A 28 0.04 26.62 15.31
C PHE A 28 -0.47 26.80 16.74
N GLU A 29 0.25 26.23 17.69
CA GLU A 29 -0.10 26.35 19.10
C GLU A 29 0.06 27.80 19.56
N LYS A 30 1.08 28.47 19.05
CA LYS A 30 1.34 29.89 19.34
C LYS A 30 0.16 30.77 18.90
N ASP A 31 -0.34 30.54 17.70
CA ASP A 31 -1.42 31.35 17.18
C ASP A 31 -2.77 30.89 17.73
N THR A 32 -2.94 29.60 18.06
CA THR A 32 -4.27 29.06 18.38
C THR A 32 -4.47 28.53 19.80
N GLY A 33 -3.39 28.28 20.53
CA GLY A 33 -3.49 27.67 21.86
C GLY A 33 -3.67 26.17 21.82
N ILE A 34 -3.71 25.63 20.61
CA ILE A 34 -3.92 24.21 20.41
C ILE A 34 -2.63 23.46 20.28
N LYS A 35 -2.38 22.57 21.23
CA LYS A 35 -1.13 21.79 21.23
C LYS A 35 -1.11 20.76 20.12
N VAL A 36 0.07 20.56 19.53
CA VAL A 36 0.21 19.59 18.47
C VAL A 36 1.29 18.69 18.86
N THR A 37 1.02 17.40 18.81
CA THR A 37 1.98 16.44 19.22
C THR A 37 2.26 15.67 18.00
N VAL A 38 3.52 15.51 17.67
CA VAL A 38 3.89 14.78 16.50
C VAL A 38 4.60 13.59 16.95
N GLU A 39 4.12 12.42 16.58
CA GLU A 39 4.73 11.17 16.95
C GLU A 39 5.04 10.43 15.69
N HIS A 40 5.97 9.50 15.79
CA HIS A 40 6.38 8.73 14.63
C HIS A 40 6.43 7.29 15.00
N PRO A 41 5.27 6.75 15.33
CA PRO A 41 5.22 5.38 15.79
C PRO A 41 5.73 4.43 14.71
N ASP A 42 6.23 3.29 15.15
CA ASP A 42 6.74 2.28 14.24
C ASP A 42 5.57 1.63 13.54
N LYS A 43 5.73 1.28 12.26
CA LYS A 43 4.73 0.51 11.57
C LYS A 43 3.40 1.27 11.62
N LEU A 44 3.47 2.60 11.52
CA LEU A 44 2.28 3.43 11.69
C LEU A 44 1.26 3.26 10.57
N GLU A 45 1.70 2.89 9.37
CA GLU A 45 0.77 2.49 8.31
C GLU A 45 -0.12 1.27 8.62
N GLU A 46 0.44 0.28 9.33
CA GLU A 46 -0.32 -0.83 9.91
C GLU A 46 -1.22 -0.39 11.05
N LYS A 47 -0.69 0.45 11.95
CA LYS A 47 -1.40 0.78 13.19
C LYS A 47 -2.60 1.67 12.99
N PHE A 48 -2.54 2.53 12.01
CA PHE A 48 -3.60 3.48 11.81
C PHE A 48 -4.94 2.83 11.53
N PRO A 49 -4.99 1.91 10.55
CA PRO A 49 -6.23 1.22 10.29
C PRO A 49 -6.77 0.49 11.49
N GLN A 50 -5.91 -0.26 12.21
CA GLN A 50 -6.35 -0.97 13.42
C GLN A 50 -7.00 -0.03 14.42
N VAL A 51 -6.28 1.04 14.79
CA VAL A 51 -6.76 1.93 15.84
C VAL A 51 -7.83 2.92 15.35
N ALA A 52 -7.73 3.40 14.12
CA ALA A 52 -8.71 4.38 13.65
C ALA A 52 -10.11 3.75 13.56
N ALA A 53 -10.13 2.46 13.19
CA ALA A 53 -11.34 1.67 13.10
C ALA A 53 -12.05 1.58 14.41
N THR A 54 -11.37 1.75 15.53
CA THR A 54 -12.03 1.66 16.81
C THR A 54 -12.24 3.05 17.36
N GLY A 55 -12.28 4.07 16.49
CA GLY A 55 -12.48 5.45 16.93
C GLY A 55 -11.29 6.17 17.58
N ASP A 56 -10.10 5.59 17.47
CA ASP A 56 -8.85 6.05 18.10
C ASP A 56 -7.88 6.57 17.03
N GLY A 57 -6.70 6.91 17.51
CA GLY A 57 -5.56 7.22 16.68
C GLY A 57 -5.23 8.68 16.64
N PRO A 58 -4.32 9.04 15.74
CA PRO A 58 -3.98 10.43 15.52
C PRO A 58 -5.11 11.20 14.86
N ASP A 59 -5.13 12.50 15.04
CA ASP A 59 -6.04 13.34 14.30
C ASP A 59 -5.68 13.34 12.82
N ILE A 60 -4.40 13.38 12.56
CA ILE A 60 -3.89 13.47 11.23
C ILE A 60 -2.88 12.36 11.07
N ILE A 61 -2.91 11.68 9.93
CA ILE A 61 -1.93 10.72 9.63
C ILE A 61 -1.24 11.07 8.33
N PHE A 62 0.09 11.01 8.35
CA PHE A 62 0.91 11.19 7.22
C PHE A 62 1.37 9.86 6.68
N TRP A 63 1.15 9.66 5.40
CA TRP A 63 1.80 8.59 4.73
C TRP A 63 1.74 8.89 3.22
N ALA A 64 2.48 8.13 2.45
CA ALA A 64 2.33 8.12 1.05
C ALA A 64 0.89 7.79 0.72
N HIS A 65 0.40 8.35 -0.38
CA HIS A 65 -1.00 8.30 -0.73
C HIS A 65 -1.44 6.89 -1.06
N ASP A 66 -0.53 6.03 -1.41
CA ASP A 66 -0.89 4.67 -1.65
C ASP A 66 -1.67 4.02 -0.49
N ARG A 67 -1.45 4.36 0.76
CA ARG A 67 -2.27 3.66 1.78
C ARG A 67 -3.68 4.24 2.07
N PHE A 68 -4.01 5.39 1.50
CA PHE A 68 -5.18 6.15 1.91
C PHE A 68 -6.49 5.62 1.31
N GLY A 69 -6.42 4.97 0.17
CA GLY A 69 -7.60 4.37 -0.42
C GLY A 69 -8.16 3.28 0.42
N GLY A 70 -7.27 2.46 0.98
CA GLY A 70 -7.63 1.43 2.01
C GLY A 70 -8.35 2.07 3.15
N TYR A 71 -7.79 3.15 3.69
CA TYR A 71 -8.32 3.86 4.85
C TYR A 71 -9.64 4.54 4.57
N ALA A 72 -9.75 5.21 3.41
CA ALA A 72 -10.95 5.90 2.98
C ALA A 72 -12.13 4.95 2.78
N GLN A 73 -11.83 3.81 2.14
CA GLN A 73 -12.78 2.78 1.91
C GLN A 73 -13.22 2.20 3.22
N SER A 74 -12.36 2.13 4.22
CA SER A 74 -12.80 1.62 5.55
C SER A 74 -13.45 2.69 6.40
N GLY A 75 -13.65 3.86 5.82
CA GLY A 75 -14.30 4.93 6.51
C GLY A 75 -13.44 5.57 7.58
N LEU A 76 -12.11 5.54 7.39
CA LEU A 76 -11.20 5.98 8.43
C LEU A 76 -10.72 7.38 8.19
N LEU A 77 -11.08 7.96 7.05
CA LEU A 77 -10.66 9.30 6.66
C LEU A 77 -11.82 10.24 6.49
N ALA A 78 -11.72 11.42 7.07
CA ALA A 78 -12.68 12.49 6.75
C ALA A 78 -12.47 12.89 5.31
N GLU A 79 -13.55 13.09 4.58
CA GLU A 79 -13.44 13.71 3.27
C GLU A 79 -12.95 15.12 3.51
N ILE A 80 -12.05 15.58 2.66
CA ILE A 80 -11.58 16.93 2.80
C ILE A 80 -12.13 17.77 1.67
N THR A 81 -12.34 19.02 1.99
CA THR A 81 -13.18 19.89 1.20
C THR A 81 -12.56 21.26 1.16
N PRO A 82 -11.28 21.33 0.78
CA PRO A 82 -10.65 22.62 0.65
C PRO A 82 -11.25 23.37 -0.55
N ASP A 83 -11.24 24.66 -0.51
CA ASP A 83 -11.93 25.42 -1.53
C ASP A 83 -11.04 25.49 -2.76
N LYS A 84 -11.64 26.00 -3.82
CA LYS A 84 -10.99 26.15 -5.09
C LYS A 84 -9.70 26.91 -4.97
N ALA A 85 -9.71 28.02 -4.25
CA ALA A 85 -8.51 28.81 -4.12
C ALA A 85 -7.38 28.02 -3.51
N PHE A 86 -7.68 27.22 -2.49
CA PHE A 86 -6.64 26.47 -1.82
C PHE A 86 -6.24 25.36 -2.70
N GLN A 87 -7.21 24.76 -3.33
CA GLN A 87 -6.96 23.73 -4.26
C GLN A 87 -6.01 24.16 -5.37
N ASP A 88 -6.11 25.41 -5.82
CA ASP A 88 -5.22 25.93 -6.86
C ASP A 88 -3.79 26.17 -6.43
N LYS A 89 -3.53 26.11 -5.14
CA LYS A 89 -2.19 26.28 -4.64
C LYS A 89 -1.34 25.00 -4.82
N LEU A 90 -1.99 23.86 -5.01
CA LEU A 90 -1.27 22.61 -5.14
C LEU A 90 -1.42 22.07 -6.53
N TYR A 91 -0.42 21.30 -6.95
CA TYR A 91 -0.39 20.70 -8.26
C TYR A 91 -1.51 19.76 -8.37
N PRO A 92 -2.18 19.83 -9.51
CA PRO A 92 -3.31 18.99 -9.72
C PRO A 92 -2.96 17.57 -9.64
N PHE A 93 -1.77 17.19 -10.06
CA PHE A 93 -1.47 15.77 -10.04
C PHE A 93 -1.29 15.25 -8.59
N THR A 94 -0.85 16.09 -7.68
CA THR A 94 -0.82 15.70 -6.27
C THR A 94 -2.22 15.53 -5.73
N TRP A 95 -3.13 16.39 -6.13
CA TRP A 95 -4.53 16.20 -5.73
C TRP A 95 -5.04 14.91 -6.34
N ASP A 96 -4.61 14.60 -7.56
CA ASP A 96 -5.02 13.35 -8.18
C ASP A 96 -4.64 12.16 -7.31
N ALA A 97 -3.47 12.16 -6.69
CA ALA A 97 -3.02 11.00 -5.87
C ALA A 97 -3.93 10.83 -4.66
N VAL A 98 -4.58 11.91 -4.24
CA VAL A 98 -5.46 11.84 -3.09
C VAL A 98 -6.95 11.78 -3.42
N ARG A 99 -7.29 11.39 -4.65
CA ARG A 99 -8.69 11.26 -4.99
C ARG A 99 -9.05 9.81 -4.97
N TYR A 100 -10.08 9.50 -4.21
CA TYR A 100 -10.50 8.16 -4.05
C TYR A 100 -12.01 8.15 -4.17
N ASN A 101 -12.49 7.34 -5.12
CA ASN A 101 -13.88 7.26 -5.46
C ASN A 101 -14.48 8.64 -5.66
N GLY A 102 -13.74 9.48 -6.38
CA GLY A 102 -14.16 10.84 -6.66
C GLY A 102 -14.03 11.88 -5.56
N LYS A 103 -13.62 11.48 -4.34
CA LYS A 103 -13.44 12.43 -3.23
C LYS A 103 -11.98 12.59 -2.78
N LEU A 104 -11.63 13.81 -2.41
CA LEU A 104 -10.39 14.14 -1.84
C LEU A 104 -10.36 13.62 -0.38
N ILE A 105 -9.47 12.69 -0.12
CA ILE A 105 -9.43 12.03 1.13
C ILE A 105 -8.23 12.41 1.95
N ALA A 106 -7.40 13.29 1.42
CA ALA A 106 -6.17 13.69 2.06
C ALA A 106 -5.59 14.90 1.40
N TYR A 107 -4.73 15.57 2.15
CA TYR A 107 -3.98 16.69 1.66
C TYR A 107 -2.69 16.19 1.11
N PRO A 108 -2.38 16.52 -0.14
CA PRO A 108 -1.08 16.11 -0.69
C PRO A 108 0.01 17.03 -0.16
N ILE A 109 1.19 16.49 0.05
CA ILE A 109 2.26 17.29 0.62
C ILE A 109 3.48 17.32 -0.24
N ALA A 110 3.90 16.18 -0.75
CA ALA A 110 5.13 16.12 -1.51
C ALA A 110 5.17 14.89 -2.34
N VAL A 111 5.81 14.97 -3.49
CA VAL A 111 5.99 13.82 -4.39
C VAL A 111 7.34 13.26 -4.11
N GLU A 112 7.42 11.97 -3.92
CA GLU A 112 8.66 11.35 -3.54
C GLU A 112 9.01 10.28 -4.53
N ALA A 113 10.24 10.21 -4.96
CA ALA A 113 10.60 9.07 -5.79
C ALA A 113 11.97 8.72 -5.39
N LEU A 114 12.25 7.43 -5.41
CA LEU A 114 13.56 6.98 -5.19
C LEU A 114 14.42 7.47 -6.34
N SER A 115 15.66 7.79 -6.00
CA SER A 115 16.70 8.12 -6.91
C SER A 115 17.90 7.25 -6.48
N LEU A 116 18.89 7.19 -7.36
CA LEU A 116 20.18 6.59 -7.09
C LEU A 116 21.01 7.67 -6.49
N ILE A 117 21.50 7.40 -5.30
CA ILE A 117 22.32 8.28 -4.60
C ILE A 117 23.70 7.67 -4.66
N TYR A 118 24.75 8.48 -4.88
CA TYR A 118 26.07 7.94 -5.02
C TYR A 118 27.06 8.86 -4.48
N ASN A 119 28.18 8.27 -4.18
CA ASN A 119 29.25 8.87 -3.48
C ASN A 119 30.19 9.28 -4.61
N LYS A 120 30.29 10.57 -4.84
CA LYS A 120 31.00 11.10 -6.01
C LYS A 120 32.50 10.96 -5.88
N ASP A 121 32.96 10.80 -4.63
CA ASP A 121 34.36 10.59 -4.40
C ASP A 121 34.72 9.17 -4.74
N LEU A 122 33.79 8.23 -4.59
CA LEU A 122 34.09 6.83 -4.89
C LEU A 122 33.72 6.55 -6.28
N LEU A 123 32.70 7.22 -6.75
CA LEU A 123 32.08 6.79 -7.96
C LEU A 123 31.68 8.03 -8.76
N PRO A 124 32.67 8.67 -9.38
CA PRO A 124 32.47 9.87 -10.20
C PRO A 124 31.34 9.77 -11.20
N ASN A 125 31.29 8.65 -11.90
CA ASN A 125 30.25 8.36 -12.85
C ASN A 125 29.41 7.23 -12.41
N PRO A 126 28.17 7.51 -12.00
CA PRO A 126 27.36 6.41 -11.54
C PRO A 126 26.99 5.51 -12.70
N PRO A 127 26.95 4.19 -12.46
CA PRO A 127 26.54 3.24 -13.50
C PRO A 127 25.20 3.60 -14.10
N LYS A 128 25.11 3.50 -15.40
CA LYS A 128 23.89 3.79 -16.12
C LYS A 128 22.98 2.58 -16.07
N THR A 129 23.58 1.41 -15.90
CA THR A 129 22.84 0.21 -15.94
C THR A 129 23.09 -0.60 -14.69
N TRP A 130 22.10 -1.39 -14.38
CA TRP A 130 22.14 -2.30 -13.28
C TRP A 130 23.13 -3.39 -13.61
N GLU A 131 23.21 -3.73 -14.89
CA GLU A 131 24.01 -4.85 -15.43
C GLU A 131 25.50 -4.63 -15.18
N GLU A 132 25.91 -3.36 -15.19
CA GLU A 132 27.28 -3.01 -14.83
C GLU A 132 27.59 -3.03 -13.34
N ILE A 133 26.60 -3.16 -12.49
CA ILE A 133 26.86 -3.07 -11.08
C ILE A 133 27.69 -4.24 -10.50
N PRO A 134 27.43 -5.48 -10.90
CA PRO A 134 28.31 -6.55 -10.43
C PRO A 134 29.79 -6.31 -10.71
N ALA A 135 30.14 -5.82 -11.91
CA ALA A 135 31.57 -5.58 -12.27
C ALA A 135 32.10 -4.42 -11.44
N LEU A 136 31.23 -3.44 -11.26
CA LEU A 136 31.57 -2.27 -10.50
C LEU A 136 31.83 -2.64 -9.02
N ASP A 137 31.01 -3.49 -8.46
CA ASP A 137 31.27 -4.00 -7.13
C ASP A 137 32.58 -4.79 -7.02
N LYS A 138 32.95 -5.56 -8.04
CA LYS A 138 34.25 -6.28 -8.06
C LYS A 138 35.39 -5.34 -7.82
N GLU A 139 35.35 -4.26 -8.59
CA GLU A 139 36.33 -3.20 -8.52
C GLU A 139 36.41 -2.56 -7.15
N LEU A 140 35.26 -2.18 -6.65
CA LEU A 140 35.14 -1.48 -5.39
C LEU A 140 35.53 -2.38 -4.22
N LYS A 141 35.28 -3.68 -4.34
CA LYS A 141 35.63 -4.61 -3.27
C LYS A 141 37.09 -4.71 -3.16
N ALA A 142 37.77 -4.50 -4.29
CA ALA A 142 39.23 -4.51 -4.34
C ALA A 142 39.81 -3.39 -3.54
N LYS A 143 39.03 -2.33 -3.30
CA LYS A 143 39.41 -1.22 -2.45
C LYS A 143 38.71 -1.26 -1.10
N GLY A 144 38.04 -2.34 -0.77
CA GLY A 144 37.30 -2.42 0.50
C GLY A 144 36.00 -1.63 0.56
N LYS A 145 35.44 -1.36 -0.62
CA LYS A 145 34.16 -0.71 -0.74
C LYS A 145 33.13 -1.63 -1.40
N SER A 146 31.85 -1.30 -1.31
CA SER A 146 30.88 -2.02 -2.11
C SER A 146 30.17 -1.05 -3.05
N ALA A 147 29.52 -1.58 -4.08
CA ALA A 147 28.89 -0.74 -5.08
C ALA A 147 27.58 -0.20 -4.63
N LEU A 148 26.76 -1.03 -4.05
CA LEU A 148 25.40 -0.59 -3.75
C LEU A 148 24.83 -1.26 -2.49
N MET A 149 24.25 -0.44 -1.63
CA MET A 149 23.52 -0.94 -0.51
C MET A 149 22.25 -0.14 -0.43
N PHE A 150 21.13 -0.88 -0.37
CA PHE A 150 19.83 -0.30 -0.21
C PHE A 150 18.97 -1.30 0.50
N ASN A 151 17.87 -0.78 0.99
CA ASN A 151 16.99 -1.48 1.92
C ASN A 151 16.29 -2.61 1.20
N LEU A 152 16.58 -3.85 1.62
CA LEU A 152 15.94 -5.02 1.01
C LEU A 152 14.81 -5.55 1.80
N GLN A 153 14.50 -4.93 2.93
CA GLN A 153 13.39 -5.35 3.75
C GLN A 153 12.08 -4.63 3.41
N GLU A 154 12.09 -3.69 2.46
CA GLU A 154 10.89 -2.98 2.09
C GLU A 154 10.89 -2.89 0.59
N PRO A 155 9.87 -3.44 -0.05
CA PRO A 155 9.80 -3.72 -1.47
C PRO A 155 9.80 -2.45 -2.29
N TYR A 156 9.51 -1.34 -1.63
CA TYR A 156 9.56 -0.07 -2.21
C TYR A 156 10.85 0.12 -2.89
N PHE A 157 11.90 -0.35 -2.20
CA PHE A 157 13.26 -0.02 -2.68
C PHE A 157 13.66 -0.89 -3.83
N THR A 158 13.12 -2.11 -3.85
CA THR A 158 13.43 -3.03 -4.92
C THR A 158 12.56 -2.86 -6.11
N TRP A 159 11.40 -2.28 -5.86
CA TRP A 159 10.35 -2.13 -6.86
C TRP A 159 10.80 -1.46 -8.18
N PRO A 160 11.69 -0.46 -8.14
CA PRO A 160 12.00 0.15 -9.42
C PRO A 160 12.68 -0.86 -10.33
N LEU A 161 13.38 -1.84 -9.75
CA LEU A 161 14.11 -2.84 -10.57
C LEU A 161 13.11 -3.94 -11.09
N ILE A 162 12.33 -4.45 -10.16
CA ILE A 162 11.25 -5.35 -10.44
C ILE A 162 10.33 -4.81 -11.53
N ALA A 163 10.03 -3.54 -11.48
CA ALA A 163 9.18 -2.90 -12.49
C ALA A 163 9.84 -2.47 -13.78
N ALA A 164 11.16 -2.51 -13.87
CA ALA A 164 11.84 -1.95 -14.99
C ALA A 164 11.57 -2.69 -16.31
N ASP A 165 11.74 -4.01 -16.36
CA ASP A 165 11.45 -4.77 -17.58
C ASP A 165 9.98 -5.27 -17.70
N GLY A 166 9.03 -4.65 -17.02
CA GLY A 166 7.62 -4.97 -17.29
C GLY A 166 6.76 -5.40 -16.11
N GLY A 167 7.34 -5.59 -14.92
CA GLY A 167 6.55 -5.79 -13.71
C GLY A 167 5.67 -4.56 -13.43
N TYR A 168 4.51 -4.80 -12.84
CA TYR A 168 3.59 -3.70 -12.49
C TYR A 168 2.68 -4.29 -11.44
N ALA A 169 2.04 -3.40 -10.69
CA ALA A 169 1.09 -3.80 -9.67
C ALA A 169 -0.25 -4.02 -10.36
N PHE A 170 -0.98 -2.94 -10.63
CA PHE A 170 -2.30 -3.02 -11.23
C PHE A 170 -2.21 -2.28 -12.52
N LYS A 171 -2.46 -2.94 -13.64
CA LYS A 171 -2.32 -2.25 -14.93
C LYS A 171 -3.18 -0.96 -15.02
N TYR A 172 -2.54 0.14 -15.38
CA TYR A 172 -3.29 1.38 -15.66
C TYR A 172 -3.60 1.43 -17.16
N ALA A 173 -4.88 1.62 -17.48
CA ALA A 173 -5.34 1.67 -18.86
C ALA A 173 -5.84 3.05 -19.26
N TYR A 177 -7.30 1.65 -13.46
CA TYR A 177 -6.67 0.52 -12.79
C TYR A 177 -7.53 -0.73 -12.95
N ASP A 178 -7.16 -1.54 -13.91
CA ASP A 178 -7.71 -2.87 -14.04
C ASP A 178 -7.10 -3.63 -12.86
N ILE A 179 -7.84 -3.73 -11.77
CA ILE A 179 -7.36 -4.48 -10.63
C ILE A 179 -7.33 -5.96 -10.98
N LYS A 180 -8.00 -6.32 -12.08
CA LYS A 180 -7.90 -7.64 -12.70
C LYS A 180 -6.48 -8.02 -13.12
N ASP A 181 -5.76 -7.07 -13.72
CA ASP A 181 -4.41 -7.28 -14.29
C ASP A 181 -3.32 -6.97 -13.26
N VAL A 182 -2.76 -8.01 -12.66
CA VAL A 182 -1.66 -7.81 -11.74
C VAL A 182 -0.38 -8.26 -12.43
N GLY A 183 0.66 -7.43 -12.36
CA GLY A 183 1.93 -7.70 -13.07
C GLY A 183 3.04 -8.22 -12.18
N VAL A 184 2.68 -8.73 -11.01
CA VAL A 184 3.66 -9.01 -10.02
C VAL A 184 4.49 -10.21 -10.36
N ASP A 185 3.91 -11.25 -10.94
CA ASP A 185 4.74 -12.38 -11.29
C ASP A 185 4.99 -12.58 -12.79
N ASN A 186 4.94 -11.53 -13.59
CA ASN A 186 5.20 -11.66 -15.03
C ASN A 186 6.72 -11.78 -15.31
N ALA A 187 7.13 -11.78 -16.58
CA ALA A 187 8.55 -12.02 -16.91
C ALA A 187 9.40 -10.79 -16.55
N GLY A 188 8.83 -9.60 -16.70
CA GLY A 188 9.49 -8.38 -16.31
C GLY A 188 9.81 -8.40 -14.84
N ALA A 189 8.86 -8.76 -13.99
CA ALA A 189 9.13 -8.85 -12.54
C ALA A 189 10.20 -9.84 -12.22
N LYS A 190 10.08 -11.04 -12.80
CA LYS A 190 10.98 -12.13 -12.59
C LYS A 190 12.41 -11.76 -12.94
N ALA A 191 12.58 -11.07 -14.06
CA ALA A 191 13.87 -10.75 -14.62
C ALA A 191 14.53 -9.78 -13.63
N GLY A 192 13.78 -8.75 -13.22
CA GLY A 192 14.28 -7.76 -12.26
C GLY A 192 14.60 -8.38 -10.90
N LEU A 193 13.68 -9.13 -10.32
CA LEU A 193 13.93 -9.68 -9.00
C LEU A 193 15.00 -10.72 -9.09
N THR A 194 15.08 -11.41 -10.23
CA THR A 194 16.16 -12.40 -10.42
C THR A 194 17.51 -11.74 -10.46
N PHE A 195 17.56 -10.57 -11.04
CA PHE A 195 18.78 -9.85 -11.08
C PHE A 195 19.23 -9.44 -9.70
N LEU A 196 18.31 -9.03 -8.88
CA LEU A 196 18.62 -8.66 -7.52
C LEU A 196 19.07 -9.86 -6.69
N VAL A 197 18.48 -10.99 -6.92
CA VAL A 197 18.81 -12.18 -6.21
C VAL A 197 20.21 -12.64 -6.59
N ASP A 198 20.60 -12.53 -7.86
CA ASP A 198 21.92 -12.89 -8.31
C ASP A 198 22.96 -11.92 -7.70
N LEU A 199 22.61 -10.66 -7.51
CA LEU A 199 23.47 -9.73 -6.82
C LEU A 199 23.80 -10.27 -5.42
N ILE A 200 22.82 -10.83 -4.77
CA ILE A 200 22.99 -11.37 -3.47
C ILE A 200 23.80 -12.66 -3.44
N LYS A 201 23.53 -13.56 -4.34
CA LYS A 201 24.20 -14.84 -4.42
C LYS A 201 25.68 -14.63 -4.76
N ASN A 202 25.95 -13.63 -5.60
CA ASN A 202 27.33 -13.30 -5.98
C ASN A 202 28.01 -12.32 -5.01
N LYS A 203 27.39 -12.12 -3.84
CA LYS A 203 27.92 -11.38 -2.72
C LYS A 203 28.00 -9.89 -2.96
N HIS A 204 27.37 -9.38 -4.02
CA HIS A 204 27.37 -7.94 -4.24
C HIS A 204 26.39 -7.23 -3.32
N MET A 205 25.32 -7.89 -2.88
CA MET A 205 24.45 -7.35 -1.81
C MET A 205 24.22 -8.37 -0.74
N ASN A 206 23.85 -7.96 0.43
CA ASN A 206 23.58 -8.89 1.50
C ASN A 206 22.06 -8.88 1.73
N ALA A 207 21.43 -10.03 1.82
CA ALA A 207 20.01 -10.06 1.96
C ALA A 207 19.47 -9.47 3.27
N ASP A 208 20.27 -9.42 4.34
CA ASP A 208 19.85 -8.80 5.60
C ASP A 208 19.93 -7.28 5.62
N THR A 209 20.37 -6.65 4.54
CA THR A 209 20.57 -5.21 4.55
C THR A 209 19.23 -4.54 4.67
N ASP A 210 19.12 -3.64 5.64
CA ASP A 210 17.88 -2.93 5.90
C ASP A 210 18.17 -1.46 5.78
N TYR A 211 17.21 -0.63 6.20
CA TYR A 211 17.33 0.79 5.99
C TYR A 211 18.52 1.36 6.68
N SER A 212 18.61 1.06 7.98
CA SER A 212 19.64 1.60 8.77
C SER A 212 21.03 1.13 8.34
N ILE A 213 21.16 -0.11 7.91
CA ILE A 213 22.48 -0.62 7.54
C ILE A 213 22.92 0.03 6.22
N ALA A 214 22.05 0.07 5.22
CA ALA A 214 22.38 0.77 3.93
C ALA A 214 22.71 2.20 4.15
N GLU A 215 21.96 2.86 5.02
CA GLU A 215 22.18 4.27 5.28
C GLU A 215 23.53 4.48 5.89
N ALA A 216 23.82 3.72 6.96
CA ALA A 216 25.03 3.82 7.68
C ALA A 216 26.21 3.52 6.76
N ALA A 217 26.14 2.45 5.99
CA ALA A 217 27.23 2.15 5.06
C ALA A 217 27.43 3.32 4.03
N PHE A 218 26.35 3.87 3.48
CA PHE A 218 26.55 4.99 2.50
C PHE A 218 27.11 6.21 3.19
N ASN A 219 26.57 6.48 4.37
CA ASN A 219 26.96 7.66 5.14
C ASN A 219 28.35 7.55 5.76
N LYS A 220 28.87 6.33 5.90
CA LYS A 220 30.24 6.11 6.31
C LYS A 220 31.22 5.90 5.16
N GLY A 221 30.77 6.11 3.92
CA GLY A 221 31.62 5.97 2.76
C GLY A 221 31.96 4.54 2.37
N GLU A 222 31.18 3.56 2.81
CA GLU A 222 31.61 2.17 2.65
C GLU A 222 31.10 1.62 1.35
N THR A 223 29.93 2.10 0.99
CA THR A 223 29.35 1.77 -0.26
C THR A 223 29.19 2.98 -1.20
N ALA A 224 29.43 2.74 -2.47
CA ALA A 224 29.40 3.81 -3.48
C ALA A 224 28.05 4.41 -3.79
N MET A 225 27.01 3.61 -3.68
CA MET A 225 25.67 3.95 -4.06
C MET A 225 24.66 3.45 -3.06
N THR A 226 23.54 4.15 -3.00
CA THR A 226 22.34 3.67 -2.38
C THR A 226 21.17 4.14 -3.20
N ILE A 227 20.01 3.67 -2.77
CA ILE A 227 18.74 3.95 -3.41
C ILE A 227 17.87 4.44 -2.31
N ASN A 228 17.44 5.66 -2.42
CA ASN A 228 16.69 6.24 -1.32
C ASN A 228 16.05 7.49 -1.79
N GLY A 229 15.19 8.00 -0.92
CA GLY A 229 14.40 9.11 -1.24
C GLY A 229 14.92 10.37 -0.67
N PRO A 230 14.22 11.48 -0.98
CA PRO A 230 14.72 12.78 -0.53
C PRO A 230 14.89 12.90 0.99
N TRP A 231 14.00 12.27 1.72
CA TRP A 231 14.11 12.26 3.22
C TRP A 231 15.50 11.90 3.70
N ALA A 232 16.20 11.05 2.95
CA ALA A 232 17.54 10.62 3.28
C ALA A 232 18.66 11.59 3.11
N TRP A 233 18.46 12.69 2.39
CA TRP A 233 19.54 13.55 2.04
C TRP A 233 20.12 14.30 3.25
N SER A 234 19.30 14.61 4.24
CA SER A 234 19.78 15.27 5.47
C SER A 234 20.84 14.47 6.16
N ASN A 235 20.62 13.16 6.31
CA ASN A 235 21.62 12.39 7.02
C ASN A 235 22.90 12.32 6.23
N ILE A 236 22.79 12.31 4.90
CA ILE A 236 23.97 12.34 4.05
C ILE A 236 24.70 13.68 4.17
N ASP A 237 23.96 14.79 4.17
CA ASP A 237 24.56 16.12 4.42
C ASP A 237 25.43 16.13 5.66
N THR A 238 24.86 15.67 6.78
CA THR A 238 25.57 15.54 8.06
C THR A 238 26.80 14.65 8.05
N SER A 239 26.75 13.56 7.30
CA SER A 239 27.89 12.66 7.14
C SER A 239 29.07 13.19 6.31
N ALA A 240 28.87 14.25 5.54
CA ALA A 240 29.97 14.81 4.74
C ALA A 240 30.41 13.91 3.57
N VAL A 241 29.58 12.97 3.17
CA VAL A 241 29.83 12.31 1.94
C VAL A 241 29.52 13.34 0.83
N ASN A 242 30.39 13.49 -0.15
CA ASN A 242 30.13 14.24 -1.38
C ASN A 242 29.24 13.33 -2.22
N TYR A 243 27.93 13.58 -2.17
CA TYR A 243 26.97 12.75 -2.89
C TYR A 243 26.29 13.44 -4.07
N GLY A 244 25.86 12.61 -5.00
CA GLY A 244 25.09 13.06 -6.11
C GLY A 244 23.80 12.27 -6.09
N VAL A 245 22.78 12.79 -6.75
CA VAL A 245 21.47 12.16 -6.82
C VAL A 245 21.13 12.13 -8.29
N THR A 246 20.77 10.94 -8.80
CA THR A 246 20.76 10.75 -10.19
C THR A 246 19.76 9.74 -10.59
N VAL A 247 19.58 9.67 -11.89
CA VAL A 247 18.65 8.72 -12.48
C VAL A 247 19.02 7.31 -12.02
N LEU A 248 18.01 6.51 -11.71
CA LEU A 248 18.27 5.12 -11.40
C LEU A 248 18.86 4.38 -12.61
N PRO A 249 19.57 3.28 -12.37
CA PRO A 249 20.15 2.66 -13.56
C PRO A 249 19.06 1.96 -14.37
N THR A 250 19.29 1.74 -15.65
CA THR A 250 18.38 1.00 -16.44
C THR A 250 18.58 -0.47 -16.17
N PHE A 251 17.57 -1.26 -16.51
CA PHE A 251 17.68 -2.71 -16.50
C PHE A 251 17.14 -3.18 -17.81
N LYS A 252 17.86 -4.08 -18.46
CA LYS A 252 17.51 -4.52 -19.83
C LYS A 252 17.16 -3.33 -20.74
N GLY A 253 17.92 -2.26 -20.58
CA GLY A 253 17.81 -1.10 -21.44
C GLY A 253 16.61 -0.25 -21.10
N GLN A 254 15.89 -0.58 -20.04
CA GLN A 254 14.66 0.14 -19.75
C GLN A 254 14.78 0.83 -18.40
N PRO A 255 14.16 1.99 -18.24
CA PRO A 255 14.33 2.69 -16.99
C PRO A 255 13.83 1.98 -15.79
N SER A 256 14.49 2.17 -14.67
CA SER A 256 13.89 1.73 -13.41
C SER A 256 12.69 2.57 -13.17
N LYS A 257 11.63 1.96 -12.67
CA LYS A 257 10.33 2.64 -12.64
C LYS A 257 9.92 2.66 -11.20
N PRO A 258 10.38 3.67 -10.46
CA PRO A 258 10.05 3.64 -9.05
C PRO A 258 8.56 3.94 -8.89
N PHE A 259 7.98 3.44 -7.82
CA PHE A 259 6.59 3.76 -7.50
C PHE A 259 6.68 5.08 -6.80
N VAL A 260 6.02 6.08 -7.33
CA VAL A 260 6.10 7.43 -6.86
C VAL A 260 5.01 7.59 -5.80
N GLY A 261 5.37 8.28 -4.73
CA GLY A 261 4.47 8.45 -3.60
C GLY A 261 4.21 9.92 -3.40
N VAL A 262 2.99 10.28 -3.04
CA VAL A 262 2.69 11.63 -2.64
C VAL A 262 2.46 11.54 -1.13
N LEU A 263 3.39 12.08 -0.36
CA LEU A 263 3.22 12.22 1.07
C LEU A 263 1.97 13.05 1.27
N SER A 264 1.05 12.50 2.03
CA SER A 264 -0.28 13.05 2.16
C SER A 264 -0.69 13.03 3.61
N ALA A 265 -1.64 13.89 3.94
CA ALA A 265 -2.07 14.05 5.30
C ALA A 265 -3.55 13.86 5.33
N GLY A 266 -3.98 12.83 6.06
CA GLY A 266 -5.37 12.43 6.14
C GLY A 266 -5.87 12.82 7.51
N ILE A 267 -7.15 13.12 7.61
CA ILE A 267 -7.77 13.49 8.85
C ILE A 267 -8.64 12.32 9.22
N ASN A 268 -8.48 11.85 10.46
CA ASN A 268 -9.18 10.67 10.96
C ASN A 268 -10.67 11.01 11.02
N ALA A 269 -11.49 10.13 10.50
CA ALA A 269 -12.92 10.28 10.57
C ALA A 269 -13.41 10.36 12.03
N ALA A 270 -12.70 9.72 12.96
CA ALA A 270 -13.06 9.72 14.39
C ALA A 270 -12.60 10.97 15.10
N SER A 271 -11.84 11.84 14.44
CA SER A 271 -11.29 13.00 15.11
C SER A 271 -12.36 14.03 15.41
N PRO A 272 -12.44 14.50 16.67
CA PRO A 272 -13.33 15.61 16.99
C PRO A 272 -12.67 16.94 16.71
N ASN A 273 -11.47 16.90 16.12
CA ASN A 273 -10.74 18.10 15.84
C ASN A 273 -10.54 18.32 14.33
N LYS A 274 -11.50 17.93 13.49
CA LYS A 274 -11.34 18.03 12.02
C LYS A 274 -11.12 19.44 11.59
N GLU A 275 -11.84 20.36 12.18
CA GLU A 275 -11.69 21.73 11.80
C GLU A 275 -10.27 22.22 12.13
N LEU A 276 -9.73 21.82 13.27
CA LEU A 276 -8.38 22.23 13.64
C LEU A 276 -7.33 21.58 12.73
N ALA A 277 -7.59 20.37 12.32
CA ALA A 277 -6.69 19.65 11.46
C ALA A 277 -6.66 20.27 10.04
N LYS A 278 -7.82 20.65 9.54
CA LYS A 278 -7.93 21.34 8.27
C LYS A 278 -7.22 22.64 8.35
N GLU A 279 -7.39 23.36 9.45
CA GLU A 279 -6.72 24.65 9.67
C GLU A 279 -5.19 24.50 9.73
N PHE A 280 -4.76 23.52 10.48
CA PHE A 280 -3.35 23.26 10.62
C PHE A 280 -2.73 22.88 9.25
N LEU A 281 -3.35 21.95 8.55
CA LEU A 281 -2.78 21.47 7.31
C LEU A 281 -2.83 22.54 6.20
N GLU A 282 -3.97 23.20 6.03
CA GLU A 282 -4.12 24.22 4.97
C GLU A 282 -3.36 25.51 5.23
N ASN A 283 -3.41 26.01 6.45
CA ASN A 283 -2.92 27.37 6.72
C ASN A 283 -1.62 27.45 7.45
N TYR A 284 -1.13 26.35 8.02
CA TYR A 284 0.18 26.35 8.69
C TYR A 284 1.19 25.45 7.99
N LEU A 285 0.82 24.23 7.67
CA LEU A 285 1.74 23.30 7.05
C LEU A 285 1.87 23.53 5.53
N LEU A 286 0.79 23.60 4.81
CA LEU A 286 0.90 23.77 3.32
C LEU A 286 1.08 25.20 2.91
N THR A 287 2.21 25.76 3.30
CA THR A 287 2.56 27.17 3.16
C THR A 287 4.06 27.16 2.92
N ASP A 288 4.60 28.26 2.41
CA ASP A 288 6.02 28.31 2.14
C ASP A 288 6.80 28.01 3.41
N GLU A 289 6.38 28.61 4.50
CA GLU A 289 7.10 28.50 5.78
C GLU A 289 6.89 27.15 6.43
N GLY A 290 5.71 26.61 6.28
CA GLY A 290 5.40 25.35 6.88
C GLY A 290 6.19 24.26 6.23
N LEU A 291 6.17 24.22 4.90
CA LEU A 291 6.87 23.16 4.17
C LEU A 291 8.35 23.36 4.27
N GLU A 292 8.82 24.59 4.39
CA GLU A 292 10.24 24.84 4.58
C GLU A 292 10.69 24.26 5.91
N ALA A 293 9.90 24.43 6.97
CA ALA A 293 10.32 23.95 8.27
C ALA A 293 10.47 22.44 8.19
N VAL A 294 9.51 21.76 7.55
CA VAL A 294 9.57 20.32 7.43
C VAL A 294 10.73 19.86 6.56
N ASN A 295 10.86 20.53 5.40
CA ASN A 295 11.89 20.25 4.42
C ASN A 295 13.31 20.47 4.93
N LYS A 296 13.54 21.55 5.68
CA LYS A 296 14.83 21.84 6.27
C LYS A 296 15.23 20.70 7.26
N ASP A 297 14.24 20.01 7.83
CA ASP A 297 14.54 18.96 8.74
C ASP A 297 14.88 17.73 7.90
N LYS A 298 13.95 17.24 7.09
CA LYS A 298 14.24 16.10 6.16
C LYS A 298 13.57 16.44 4.87
N PRO A 299 14.31 16.47 3.75
CA PRO A 299 13.65 16.98 2.56
C PRO A 299 12.45 16.21 2.18
N LEU A 300 11.45 16.93 1.72
CA LEU A 300 10.13 16.31 1.34
C LEU A 300 10.10 15.69 -0.07
N GLY A 301 10.97 16.17 -0.92
CA GLY A 301 10.85 15.89 -2.33
C GLY A 301 10.34 17.13 -3.03
N ALA A 302 9.55 16.92 -4.05
CA ALA A 302 8.96 17.96 -4.83
C ALA A 302 7.67 18.29 -4.17
N VAL A 303 7.60 19.41 -3.52
CA VAL A 303 6.37 19.67 -2.78
C VAL A 303 5.13 19.91 -3.67
N ALA A 304 3.97 19.65 -3.07
CA ALA A 304 2.71 19.84 -3.73
C ALA A 304 2.32 21.29 -3.91
N LEU A 305 2.85 22.16 -3.06
CA LEU A 305 2.57 23.58 -3.09
C LEU A 305 3.38 24.24 -4.19
N LYS A 306 2.65 24.74 -5.19
CA LYS A 306 3.33 25.39 -6.34
C LYS A 306 4.32 26.47 -5.95
N SER A 307 3.94 27.39 -5.07
CA SER A 307 4.82 28.52 -4.76
C SER A 307 6.18 28.03 -4.29
N TYR A 308 6.20 27.04 -3.40
CA TYR A 308 7.43 26.59 -2.79
C TYR A 308 8.14 25.59 -3.71
N GLU A 309 7.41 24.76 -4.43
CA GLU A 309 8.07 23.93 -5.43
C GLU A 309 8.83 24.72 -6.50
N GLU A 310 8.38 25.90 -6.89
CA GLU A 310 9.16 26.67 -7.89
C GLU A 310 10.56 26.96 -7.37
N GLU A 311 10.70 27.16 -6.05
CA GLU A 311 12.02 27.41 -5.44
C GLU A 311 12.82 26.09 -5.36
N LEU A 312 12.20 25.02 -4.82
CA LEU A 312 12.88 23.71 -4.75
C LEU A 312 13.21 23.07 -6.10
N ALA A 313 12.47 23.43 -7.16
CA ALA A 313 12.66 22.79 -8.47
C ALA A 313 14.02 23.08 -9.07
N LYS A 314 14.68 24.14 -8.63
CA LYS A 314 16.01 24.49 -9.13
C LYS A 314 17.11 23.58 -8.58
N ASP A 315 16.83 22.88 -7.47
CA ASP A 315 17.77 21.96 -6.83
C ASP A 315 17.91 20.74 -7.74
N PRO A 316 19.12 20.45 -8.17
CA PRO A 316 19.31 19.30 -9.09
C PRO A 316 18.91 17.97 -8.50
N ARG A 317 18.92 17.84 -7.15
CA ARG A 317 18.49 16.63 -6.50
C ARG A 317 16.98 16.42 -6.66
N ILE A 318 16.22 17.52 -6.63
CA ILE A 318 14.83 17.47 -6.94
C ILE A 318 14.62 17.19 -8.43
N ALA A 319 15.42 17.78 -9.32
CA ALA A 319 15.26 17.49 -10.75
C ALA A 319 15.48 16.01 -11.00
N ALA A 320 16.45 15.44 -10.32
CA ALA A 320 16.71 14.01 -10.39
C ALA A 320 15.54 13.21 -9.81
N THR A 321 14.99 13.69 -8.69
CA THR A 321 13.81 13.03 -8.16
C THR A 321 12.66 13.07 -9.15
N MET A 322 12.45 14.24 -9.75
CA MET A 322 11.40 14.35 -10.81
C MET A 322 11.71 13.53 -12.05
N GLU A 323 12.97 13.45 -12.43
CA GLU A 323 13.37 12.55 -13.49
C GLU A 323 12.98 11.11 -13.18
N ASN A 324 13.32 10.61 -11.97
CA ASN A 324 12.94 9.29 -11.59
C ASN A 324 11.44 9.17 -11.46
N ALA A 325 10.78 10.16 -10.87
CA ALA A 325 9.32 10.13 -10.89
C ALA A 325 8.69 10.00 -12.29
N GLN A 326 9.20 10.72 -13.30
CA GLN A 326 8.57 10.65 -14.64
C GLN A 326 8.81 9.31 -15.28
N LYS A 327 9.93 8.68 -14.97
CA LYS A 327 10.15 7.31 -15.45
C LYS A 327 9.39 6.25 -14.70
N GLY A 328 8.95 6.59 -13.49
CA GLY A 328 8.12 5.76 -12.66
C GLY A 328 6.65 5.96 -12.90
N GLU A 329 5.86 5.46 -11.98
CA GLU A 329 4.42 5.57 -12.06
C GLU A 329 3.95 5.93 -10.68
N ILE A 330 2.94 6.80 -10.64
CA ILE A 330 2.25 7.17 -9.40
C ILE A 330 1.63 5.94 -8.83
N MET A 331 1.79 5.70 -7.52
CA MET A 331 1.25 4.45 -6.94
C MET A 331 -0.24 4.53 -7.00
N PRO A 332 -0.92 3.42 -7.30
CA PRO A 332 -2.33 3.41 -7.07
C PRO A 332 -2.67 3.62 -5.58
N ASN A 333 -3.87 4.16 -5.32
CA ASN A 333 -4.32 4.30 -3.94
C ASN A 333 -5.44 3.39 -3.60
N ILE A 334 -5.65 2.36 -4.44
CA ILE A 334 -6.73 1.42 -4.25
C ILE A 334 -6.50 0.59 -2.97
N PRO A 335 -7.57 0.17 -2.33
CA PRO A 335 -7.51 -0.47 -1.03
C PRO A 335 -6.61 -1.67 -0.90
N GLN A 336 -6.39 -2.39 -1.97
CA GLN A 336 -5.54 -3.61 -1.88
CA GLN A 336 -5.54 -3.60 -1.94
C GLN A 336 -4.00 -3.39 -2.06
N MET A 337 -3.62 -2.11 -2.02
CA MET A 337 -2.24 -1.73 -2.09
C MET A 337 -1.54 -2.32 -0.90
N SER A 338 -2.17 -2.26 0.25
CA SER A 338 -1.65 -2.85 1.47
C SER A 338 -1.27 -4.28 1.31
N ALA A 339 -2.20 -5.05 0.78
CA ALA A 339 -1.95 -6.45 0.53
C ALA A 339 -0.88 -6.65 -0.52
N PHE A 340 -0.89 -5.82 -1.57
CA PHE A 340 0.08 -5.93 -2.62
C PHE A 340 1.47 -5.74 -2.04
N TRP A 341 1.65 -4.67 -1.28
CA TRP A 341 2.92 -4.45 -0.65
C TRP A 341 3.32 -5.54 0.35
N TYR A 342 2.38 -6.06 1.12
CA TYR A 342 2.70 -7.11 2.11
C TYR A 342 3.20 -8.33 1.34
N ALA A 343 2.58 -8.60 0.18
CA ALA A 343 2.91 -9.81 -0.56
C ALA A 343 4.27 -9.65 -1.18
N VAL A 344 4.50 -8.49 -1.77
CA VAL A 344 5.76 -8.26 -2.48
C VAL A 344 6.94 -8.14 -1.52
N ARG A 345 6.70 -7.60 -0.34
CA ARG A 345 7.70 -7.55 0.73
C ARG A 345 8.19 -8.89 1.08
N THR A 346 7.26 -9.78 1.29
CA THR A 346 7.60 -11.15 1.67
C THR A 346 8.34 -11.86 0.52
N ALA A 347 7.94 -11.58 -0.70
CA ALA A 347 8.54 -12.22 -1.87
C ALA A 347 9.95 -11.83 -1.98
N VAL A 348 10.22 -10.54 -1.82
CA VAL A 348 11.57 -10.04 -1.95
C VAL A 348 12.42 -10.56 -0.83
N ILE A 349 11.93 -10.49 0.39
CA ILE A 349 12.70 -11.08 1.49
C ILE A 349 12.98 -12.58 1.28
N ASN A 350 11.98 -13.36 0.94
CA ASN A 350 12.19 -14.76 0.70
C ASN A 350 13.08 -15.08 -0.49
N ALA A 351 12.99 -14.31 -1.59
CA ALA A 351 13.80 -14.53 -2.78
C ALA A 351 15.21 -14.23 -2.47
N ALA A 352 15.40 -13.12 -1.77
CA ALA A 352 16.72 -12.72 -1.38
C ALA A 352 17.35 -13.68 -0.35
N SER A 353 16.59 -14.17 0.61
CA SER A 353 17.18 -15.05 1.63
C SER A 353 17.33 -16.46 1.13
N GLY A 354 16.73 -16.76 -0.03
CA GLY A 354 16.76 -18.13 -0.59
C GLY A 354 15.71 -19.04 0.00
N ARG A 355 14.84 -18.54 0.87
CA ARG A 355 13.74 -19.33 1.43
C ARG A 355 12.84 -19.83 0.31
N GLN A 356 12.66 -18.99 -0.71
CA GLN A 356 11.91 -19.35 -1.91
C GLN A 356 12.66 -18.90 -3.11
N THR A 357 12.43 -19.55 -4.23
CA THR A 357 12.97 -19.09 -5.52
C THR A 357 12.21 -17.85 -5.91
N VAL A 358 12.71 -17.18 -6.93
CA VAL A 358 12.01 -16.06 -7.52
C VAL A 358 10.65 -16.47 -8.01
N ASP A 359 10.60 -17.57 -8.79
CA ASP A 359 9.33 -18.11 -9.32
C ASP A 359 8.31 -18.30 -8.23
N GLU A 360 8.70 -19.05 -7.19
CA GLU A 360 7.84 -19.32 -6.04
C GLU A 360 7.42 -18.03 -5.34
N ALA A 361 8.36 -17.16 -5.06
CA ALA A 361 8.11 -15.97 -4.31
C ALA A 361 7.16 -15.04 -5.02
N LEU A 362 7.40 -14.76 -6.32
CA LEU A 362 6.46 -13.89 -7.05
C LEU A 362 5.12 -14.55 -7.33
N LYS A 363 5.07 -15.87 -7.47
CA LYS A 363 3.78 -16.54 -7.61
C LYS A 363 2.91 -16.27 -6.40
N ASP A 364 3.47 -16.48 -5.21
CA ASP A 364 2.77 -16.22 -3.96
C ASP A 364 2.43 -14.76 -3.80
N ALA A 365 3.29 -13.90 -4.28
CA ALA A 365 3.01 -12.48 -4.23
C ALA A 365 1.88 -12.10 -5.18
N GLN A 366 1.81 -12.74 -6.33
CA GLN A 366 0.70 -12.54 -7.25
C GLN A 366 -0.59 -12.97 -6.54
N THR A 367 -0.56 -14.10 -5.86
CA THR A 367 -1.70 -14.65 -5.21
C THR A 367 -2.15 -13.77 -4.10
N GLY A 368 -1.20 -13.29 -3.32
CA GLY A 368 -1.54 -12.39 -2.22
C GLY A 368 -2.14 -11.09 -2.70
N SER A 369 -1.60 -10.60 -3.80
CA SER A 369 -2.07 -9.35 -4.39
C SER A 369 -3.43 -9.46 -4.94
N GLU A 370 -3.74 -10.59 -5.56
CA GLU A 370 -5.01 -10.85 -6.22
C GLU A 370 -6.05 -11.36 -5.27
N LEU A 371 -5.67 -11.82 -4.10
CA LEU A 371 -6.56 -12.52 -3.20
C LEU A 371 -7.93 -11.85 -2.92
N TYR A 372 -7.95 -10.59 -2.55
CA TYR A 372 -9.20 -9.92 -2.30
C TYR A 372 -10.07 -9.90 -3.52
N ARG A 373 -9.51 -9.52 -4.65
CA ARG A 373 -10.32 -9.35 -5.81
C ARG A 373 -10.83 -10.66 -6.31
N GLN A 374 -9.98 -11.67 -6.26
CA GLN A 374 -10.36 -12.99 -6.70
C GLN A 374 -11.42 -13.50 -5.78
N SER A 375 -11.28 -13.30 -4.47
CA SER A 375 -12.26 -13.77 -3.52
C SER A 375 -13.57 -13.02 -3.69
N LEU A 376 -13.49 -11.71 -3.88
CA LEU A 376 -14.73 -10.96 -4.08
C LEU A 376 -15.44 -11.37 -5.36
N GLU A 377 -14.71 -11.59 -6.44
CA GLU A 377 -15.32 -12.07 -7.66
C GLU A 377 -16.12 -13.38 -7.42
N ILE A 378 -15.51 -14.32 -6.68
CA ILE A 378 -16.11 -15.62 -6.41
C ILE A 378 -17.31 -15.47 -5.55
N ILE A 379 -17.15 -14.72 -4.50
CA ILE A 379 -18.19 -14.60 -3.50
C ILE A 379 -19.35 -13.72 -3.97
N SER A 380 -19.03 -12.60 -4.58
CA SER A 380 -20.06 -11.76 -5.17
C SER A 380 -20.88 -12.53 -6.20
N ARG A 381 -20.21 -13.24 -7.08
CA ARG A 381 -20.93 -14.07 -8.03
C ARG A 381 -21.77 -15.12 -7.47
N TYR A 382 -21.20 -15.88 -6.49
CA TYR A 382 -21.97 -16.92 -5.91
C TYR A 382 -23.13 -16.28 -5.21
N LEU A 383 -22.90 -15.27 -4.38
CA LEU A 383 -24.01 -14.65 -3.66
C LEU A 383 -25.07 -14.15 -4.56
N ARG A 384 -24.71 -13.43 -5.64
CA ARG A 384 -25.71 -12.89 -6.55
C ARG A 384 -26.39 -14.05 -7.30
N GLU A 385 -25.69 -15.02 -7.87
CA GLU A 385 -26.44 -16.12 -8.56
C GLU A 385 -27.32 -16.92 -7.63
N GLN A 386 -26.93 -17.13 -6.36
CA GLN A 386 -27.80 -17.80 -5.44
C GLN A 386 -29.07 -17.00 -5.17
N ALA A 387 -28.94 -15.72 -4.87
CA ALA A 387 -30.12 -14.89 -4.63
C ALA A 387 -31.01 -14.70 -5.84
N THR A 388 -30.46 -14.54 -7.02
CA THR A 388 -31.33 -14.26 -8.16
C THR A 388 -31.67 -15.48 -8.99
N GLY A 389 -30.95 -16.58 -8.77
CA GLY A 389 -31.10 -17.81 -9.53
C GLY A 389 -30.42 -17.84 -10.89
N ALA A 390 -29.80 -16.74 -11.30
CA ALA A 390 -29.25 -16.66 -12.61
C ALA A 390 -27.81 -16.29 -12.44
N ALA A 391 -26.93 -16.96 -13.18
CA ALA A 391 -25.53 -16.59 -13.15
C ALA A 391 -25.27 -15.28 -13.90
N ASP A 392 -24.12 -14.72 -13.57
CA ASP A 392 -23.66 -13.49 -14.15
C ASP A 392 -23.06 -13.89 -15.46
N THR A 393 -23.40 -13.16 -16.50
CA THR A 393 -23.03 -13.52 -17.86
C THR A 393 -21.64 -13.05 -18.21
N ALA A 394 -21.14 -12.04 -17.49
CA ALA A 394 -19.89 -11.37 -17.86
C ALA A 394 -18.72 -12.34 -17.74
N PRO A 395 -17.73 -12.20 -18.62
CA PRO A 395 -16.56 -13.05 -18.43
C PRO A 395 -15.84 -12.77 -17.11
N MET A 396 -15.10 -13.77 -16.67
CA MET A 396 -14.03 -13.54 -15.71
C MET A 396 -12.88 -13.04 -16.60
N GLY A 397 -11.86 -12.44 -16.00
CA GLY A 397 -10.73 -11.94 -16.78
C GLY A 397 -9.87 -12.98 -17.48
N ALA A 398 -8.80 -12.48 -18.11
CA ALA A 398 -7.76 -13.34 -18.68
C ALA A 398 -7.03 -14.21 -17.63
N SER A 399 -7.05 -13.81 -16.36
CA SER A 399 -6.49 -14.59 -15.24
C SER A 399 -7.58 -15.30 -14.44
N GLY A 400 -8.76 -15.46 -15.02
CA GLY A 400 -9.93 -15.95 -14.28
C GLY A 400 -10.37 -17.38 -14.51
N ALA A 401 -9.48 -18.28 -14.95
CA ALA A 401 -9.83 -19.71 -14.95
C ALA A 401 -10.00 -20.22 -13.51
N THR A 402 -9.16 -19.71 -12.63
CA THR A 402 -9.25 -19.97 -11.21
C THR A 402 -10.57 -19.55 -10.60
N SER A 403 -11.02 -18.35 -10.94
CA SER A 403 -12.30 -17.86 -10.45
C SER A 403 -13.39 -18.77 -10.87
N ARG A 404 -13.35 -19.20 -12.12
CA ARG A 404 -14.42 -19.99 -12.69
C ARG A 404 -14.45 -21.36 -12.07
N LYS A 405 -13.30 -22.00 -11.96
CA LYS A 405 -13.21 -23.31 -11.31
C LYS A 405 -13.59 -23.24 -9.83
N ALA A 406 -13.21 -22.19 -9.13
CA ALA A 406 -13.55 -22.01 -7.71
C ALA A 406 -15.05 -21.78 -7.51
N LEU A 407 -15.67 -21.02 -8.42
CA LEU A 407 -17.07 -20.81 -8.40
C LEU A 407 -17.76 -22.11 -8.70
N GLU A 408 -17.26 -22.90 -9.63
CA GLU A 408 -17.82 -24.23 -9.92
C GLU A 408 -17.73 -25.12 -8.69
N THR A 409 -16.62 -25.07 -7.97
CA THR A 409 -16.45 -25.87 -6.80
C THR A 409 -17.37 -25.40 -5.70
N LEU A 410 -17.48 -24.09 -5.57
CA LEU A 410 -18.29 -23.49 -4.57
C LEU A 410 -19.75 -23.81 -4.81
N ARG A 411 -20.19 -23.73 -6.04
CA ARG A 411 -21.53 -24.16 -6.36
C ARG A 411 -21.74 -25.58 -5.91
N ARG A 412 -20.86 -26.46 -6.26
CA ARG A 412 -21.07 -27.85 -5.98
C ARG A 412 -21.04 -28.17 -4.47
N VAL A 413 -20.03 -27.69 -3.77
CA VAL A 413 -19.88 -27.95 -2.38
C VAL A 413 -20.84 -27.14 -1.55
N GLY A 414 -21.05 -25.89 -1.96
CA GLY A 414 -21.99 -24.99 -1.30
C GLY A 414 -23.47 -25.39 -1.35
N ASP A 415 -23.90 -26.07 -2.40
CA ASP A 415 -25.27 -26.61 -2.54
C ASP A 415 -25.55 -27.47 -1.33
N GLY A 416 -24.66 -28.40 -1.06
CA GLY A 416 -24.82 -29.38 0.00
C GLY A 416 -24.82 -28.69 1.34
N VAL A 417 -23.88 -27.77 1.52
CA VAL A 417 -23.74 -27.11 2.79
C VAL A 417 -24.97 -26.24 3.09
N GLN A 418 -25.50 -25.53 2.11
CA GLN A 418 -26.72 -24.81 2.38
C GLN A 418 -27.89 -25.72 2.63
N ARG A 419 -28.04 -26.74 1.79
CA ARG A 419 -29.11 -27.67 1.97
C ARG A 419 -28.98 -28.30 3.41
N ASN A 420 -27.81 -28.75 3.82
CA ASN A 420 -27.73 -29.40 5.12
C ASN A 420 -27.92 -28.44 6.23
N HIS A 421 -27.60 -27.17 6.02
CA HIS A 421 -27.72 -26.22 7.08
C HIS A 421 -28.92 -25.32 6.97
N GLU A 422 -29.89 -25.64 6.16
CA GLU A 422 -30.99 -24.73 5.88
C GLU A 422 -31.73 -24.37 7.15
N THR A 423 -32.01 -25.37 7.97
CA THR A 423 -32.74 -25.16 9.22
C THR A 423 -31.92 -24.34 10.22
N ALA A 424 -30.64 -24.64 10.28
CA ALA A 424 -29.75 -23.86 11.11
C ALA A 424 -29.69 -22.43 10.68
N PHE A 425 -29.54 -22.22 9.36
CA PHE A 425 -29.38 -20.89 8.80
C PHE A 425 -30.67 -20.11 8.93
N GLN A 426 -31.82 -20.74 8.71
CA GLN A 426 -33.07 -20.00 8.89
C GLN A 426 -33.25 -19.51 10.31
N GLY A 427 -32.83 -20.32 11.28
CA GLY A 427 -32.94 -19.98 12.68
C GLY A 427 -31.94 -18.87 12.97
N MET A 428 -30.70 -19.05 12.53
CA MET A 428 -29.71 -18.02 12.74
C MET A 428 -30.16 -16.74 12.07
N LEU A 429 -30.66 -16.84 10.85
CA LEU A 429 -31.10 -15.66 10.16
C LEU A 429 -32.26 -15.02 10.87
N ARG A 430 -33.16 -15.80 11.42
CA ARG A 430 -34.29 -15.23 12.16
C ARG A 430 -33.87 -14.46 13.41
N LYS A 431 -32.80 -14.91 14.06
CA LYS A 431 -32.32 -14.25 15.28
C LYS A 431 -32.02 -12.82 14.91
N LEU A 432 -31.27 -12.67 13.85
CA LEU A 432 -30.89 -11.37 13.40
C LEU A 432 -32.04 -10.66 12.73
N ASP A 433 -31.99 -9.35 12.72
CA ASP A 433 -32.91 -8.59 11.90
C ASP A 433 -31.97 -8.23 10.79
N ILE A 434 -32.21 -8.75 9.61
CA ILE A 434 -31.36 -8.38 8.48
C ILE A 434 -32.21 -7.73 7.42
N LYS A 435 -32.52 -6.47 7.60
CA LYS A 435 -33.48 -5.87 6.71
C LYS A 435 -32.89 -4.85 5.74
N ASN A 436 -31.70 -4.32 5.98
CA ASN A 436 -31.23 -3.25 5.11
C ASN A 436 -29.72 -3.23 5.14
N GLU A 437 -29.13 -2.24 4.46
CA GLU A 437 -27.68 -2.15 4.45
C GLU A 437 -27.04 -1.87 5.82
N ASP A 438 -27.78 -1.19 6.71
CA ASP A 438 -27.34 -0.93 8.07
C ASP A 438 -27.09 -2.18 8.91
N ASP A 439 -27.83 -3.24 8.66
CA ASP A 439 -27.57 -4.48 9.40
C ASP A 439 -26.39 -5.27 8.84
N VAL A 440 -25.99 -5.02 7.60
CA VAL A 440 -24.99 -5.85 6.97
C VAL A 440 -23.61 -5.67 7.54
N LYS A 441 -23.38 -4.52 8.14
CA LYS A 441 -22.14 -4.28 8.82
C LYS A 441 -22.17 -5.02 10.17
N SER A 442 -23.36 -5.13 10.76
CA SER A 442 -23.47 -5.86 12.02
C SER A 442 -23.06 -7.30 11.78
N LEU A 443 -23.65 -7.87 10.74
CA LEU A 443 -23.39 -9.21 10.31
C LEU A 443 -21.94 -9.54 10.29
N SER A 444 -21.18 -8.60 9.79
CA SER A 444 -19.79 -8.77 9.62
C SER A 444 -19.21 -9.19 10.94
N ARG A 445 -19.53 -8.48 12.02
CA ARG A 445 -18.94 -8.79 13.31
C ARG A 445 -19.34 -10.17 13.75
N VAL A 446 -20.62 -10.45 13.56
CA VAL A 446 -21.13 -11.72 13.97
C VAL A 446 -20.40 -12.78 13.18
N MET A 447 -20.41 -12.61 11.86
CA MET A 447 -19.79 -13.57 10.99
C MET A 447 -18.32 -13.67 11.27
N ILE A 448 -17.62 -12.55 11.50
CA ILE A 448 -16.17 -12.62 11.79
C ILE A 448 -15.99 -13.46 13.02
N HIS A 449 -16.73 -13.09 14.06
CA HIS A 449 -16.57 -13.71 15.33
C HIS A 449 -16.85 -15.20 15.27
N VAL A 450 -17.88 -15.60 14.55
CA VAL A 450 -18.19 -17.01 14.44
C VAL A 450 -17.14 -17.74 13.60
N PHE A 451 -16.72 -17.07 12.53
CA PHE A 451 -15.80 -17.69 11.63
C PHE A 451 -14.48 -17.99 12.32
N SER A 452 -14.01 -16.99 13.04
CA SER A 452 -12.78 -17.06 13.81
C SER A 452 -12.80 -18.05 14.97
N ASP A 453 -13.96 -18.18 15.62
CA ASP A 453 -14.15 -19.08 16.77
C ASP A 453 -13.66 -20.50 16.56
N GLY A 454 -13.82 -21.02 15.34
CA GLY A 454 -13.43 -22.38 15.01
C GLY A 454 -12.13 -22.48 14.23
N VAL A 455 -11.81 -23.72 13.86
CA VAL A 455 -10.60 -24.12 13.12
C VAL A 455 -10.66 -23.54 11.71
N THR A 456 -9.51 -23.27 11.11
CA THR A 456 -9.48 -22.75 9.76
C THR A 456 -9.34 -23.90 8.77
N ASN A 457 -10.38 -24.07 7.96
CA ASN A 457 -10.32 -25.03 6.86
C ASN A 457 -11.28 -24.56 5.79
N TRP A 458 -11.15 -25.15 4.62
CA TRP A 458 -11.98 -24.76 3.50
C TRP A 458 -13.45 -25.05 3.73
N GLY A 459 -13.79 -26.09 4.49
CA GLY A 459 -15.19 -26.44 4.73
C GLY A 459 -15.86 -25.33 5.50
N ARG A 460 -15.14 -24.67 6.39
CA ARG A 460 -15.78 -23.63 7.17
C ARG A 460 -15.87 -22.36 6.39
N ILE A 461 -15.02 -22.21 5.40
CA ILE A 461 -15.03 -21.07 4.54
C ILE A 461 -16.24 -21.21 3.66
N VAL A 462 -16.53 -22.42 3.24
CA VAL A 462 -17.67 -22.68 2.44
C VAL A 462 -18.89 -22.42 3.26
N THR A 463 -18.89 -22.85 4.51
CA THR A 463 -20.03 -22.57 5.36
C THR A 463 -20.34 -21.09 5.49
N LEU A 464 -19.31 -20.28 5.72
CA LEU A 464 -19.43 -18.87 5.89
C LEU A 464 -19.98 -18.22 4.62
N ILE A 465 -19.46 -18.64 3.47
CA ILE A 465 -19.93 -18.10 2.19
C ILE A 465 -21.34 -18.58 1.94
N SER A 466 -21.66 -19.80 2.39
CA SER A 466 -22.97 -20.41 2.18
C SER A 466 -24.04 -19.71 3.03
N PHE A 467 -23.68 -19.33 4.24
CA PHE A 467 -24.56 -18.51 5.02
C PHE A 467 -24.73 -17.15 4.35
N GLY A 468 -23.69 -16.63 3.80
CA GLY A 468 -23.77 -15.41 3.00
C GLY A 468 -24.71 -15.57 1.84
N ALA A 469 -24.63 -16.72 1.18
CA ALA A 469 -25.55 -17.03 0.10
C ALA A 469 -26.99 -17.06 0.58
N PHE A 470 -27.20 -17.67 1.76
CA PHE A 470 -28.50 -17.80 2.38
C PHE A 470 -29.07 -16.44 2.65
N VAL A 471 -28.22 -15.54 3.13
CA VAL A 471 -28.64 -14.26 3.48
C VAL A 471 -28.91 -13.44 2.22
N ALA A 472 -28.06 -13.55 1.22
CA ALA A 472 -28.29 -12.89 -0.04
C ALA A 472 -29.61 -13.28 -0.62
N LYS A 473 -29.99 -14.55 -0.50
CA LYS A 473 -31.31 -14.92 -0.98
C LYS A 473 -32.39 -14.24 -0.18
N HIS A 474 -32.23 -14.23 1.12
CA HIS A 474 -33.15 -13.52 1.96
C HIS A 474 -33.24 -12.07 1.56
N LEU A 475 -32.11 -11.45 1.29
CA LEU A 475 -32.11 -10.05 0.89
C LEU A 475 -32.79 -9.80 -0.43
N LYS A 476 -32.64 -10.70 -1.39
CA LYS A 476 -33.38 -10.56 -2.63
C LYS A 476 -34.88 -10.63 -2.40
N THR A 477 -35.32 -11.56 -1.53
CA THR A 477 -36.73 -11.87 -1.36
CA THR A 477 -36.75 -11.85 -1.39
C THR A 477 -37.44 -10.66 -0.76
N ILE A 478 -36.68 -9.88 0.02
CA ILE A 478 -37.18 -8.67 0.64
C ILE A 478 -36.77 -7.41 -0.06
N ASN A 479 -36.53 -7.50 -1.35
CA ASN A 479 -36.21 -6.36 -2.20
C ASN A 479 -35.05 -5.51 -1.72
N GLN A 480 -34.02 -6.16 -1.21
CA GLN A 480 -32.82 -5.50 -0.77
C GLN A 480 -31.66 -6.10 -1.54
N GLU A 481 -31.82 -6.25 -2.84
CA GLU A 481 -30.80 -6.89 -3.68
C GLU A 481 -29.56 -6.02 -3.73
N SER A 482 -29.72 -4.72 -3.65
CA SER A 482 -28.59 -3.79 -3.50
C SER A 482 -27.68 -4.08 -2.29
N CYS A 483 -28.15 -4.78 -1.24
CA CYS A 483 -27.27 -5.15 -0.13
C CYS A 483 -26.45 -6.38 -0.34
N ILE A 484 -26.58 -7.04 -1.48
CA ILE A 484 -25.85 -8.25 -1.73
C ILE A 484 -24.40 -7.94 -1.91
N GLU A 485 -24.09 -6.92 -2.69
CA GLU A 485 -22.70 -6.58 -2.96
C GLU A 485 -21.98 -6.20 -1.69
N PRO A 486 -22.55 -5.32 -0.86
CA PRO A 486 -21.98 -5.01 0.45
C PRO A 486 -21.79 -6.22 1.36
N LEU A 487 -22.73 -7.15 1.36
CA LEU A 487 -22.55 -8.40 2.09
C LEU A 487 -21.37 -9.20 1.53
N ALA A 488 -21.21 -9.23 0.20
CA ALA A 488 -20.17 -9.99 -0.40
C ALA A 488 -18.85 -9.37 -0.03
N GLU A 489 -18.79 -8.04 -0.11
CA GLU A 489 -17.60 -7.28 0.30
C GLU A 489 -17.28 -7.53 1.73
N SER A 490 -18.27 -7.55 2.58
CA SER A 490 -18.00 -7.74 3.99
C SER A 490 -17.45 -9.12 4.29
N ILE A 491 -18.05 -10.16 3.67
CA ILE A 491 -17.62 -11.55 3.84
C ILE A 491 -16.22 -11.72 3.33
N THR A 492 -15.94 -11.10 2.19
CA THR A 492 -14.66 -11.18 1.58
C THR A 492 -13.61 -10.58 2.48
N ASP A 493 -13.93 -9.43 3.08
CA ASP A 493 -12.98 -8.74 3.93
C ASP A 493 -12.68 -9.61 5.15
N VAL A 494 -13.71 -10.15 5.77
CA VAL A 494 -13.58 -10.98 6.93
C VAL A 494 -12.62 -12.08 6.62
N LEU A 495 -12.86 -12.67 5.46
CA LEU A 495 -12.17 -13.84 5.05
C LEU A 495 -10.72 -13.50 4.78
N VAL A 496 -10.44 -12.52 3.94
CA VAL A 496 -9.02 -12.28 3.59
C VAL A 496 -8.26 -11.60 4.73
N ARG A 497 -8.86 -10.68 5.47
CA ARG A 497 -8.10 -10.06 6.53
C ARG A 497 -7.71 -11.05 7.63
N THR A 498 -8.54 -12.02 7.94
CA THR A 498 -8.19 -12.88 9.05
C THR A 498 -7.52 -14.15 8.58
N LYS A 499 -7.64 -14.48 7.30
CA LYS A 499 -7.05 -15.72 6.83
C LYS A 499 -6.06 -15.60 5.72
N ARG A 500 -5.54 -14.42 5.49
CA ARG A 500 -4.72 -14.18 4.32
C ARG A 500 -3.52 -15.10 4.27
N ASP A 501 -2.82 -15.28 5.38
CA ASP A 501 -1.60 -16.10 5.33
C ASP A 501 -2.01 -17.53 5.02
N TRP A 502 -3.04 -18.01 5.68
CA TRP A 502 -3.56 -19.35 5.40
C TRP A 502 -3.93 -19.46 3.91
N LEU A 503 -4.66 -18.47 3.41
CA LEU A 503 -5.12 -18.51 2.02
C LEU A 503 -3.99 -18.62 1.06
N VAL A 504 -3.00 -17.78 1.22
CA VAL A 504 -1.80 -17.84 0.37
C VAL A 504 -1.04 -19.19 0.47
N LYS A 505 -0.87 -19.71 1.69
CA LYS A 505 -0.30 -21.07 1.93
C LYS A 505 -1.03 -22.14 1.14
N GLN A 506 -2.35 -21.98 1.00
CA GLN A 506 -3.14 -22.97 0.27
C GLN A 506 -3.18 -22.65 -1.21
N ARG A 507 -2.38 -21.72 -1.69
CA ARG A 507 -2.40 -21.24 -3.08
C ARG A 507 -3.73 -20.62 -3.45
N GLY A 508 -4.35 -20.00 -2.46
CA GLY A 508 -5.60 -19.27 -2.63
C GLY A 508 -6.70 -20.19 -3.12
N TRP A 509 -7.42 -19.74 -4.14
CA TRP A 509 -8.58 -20.45 -4.57
C TRP A 509 -8.24 -21.65 -5.42
N ASP A 510 -7.02 -21.74 -5.94
CA ASP A 510 -6.58 -22.96 -6.57
C ASP A 510 -6.54 -24.07 -5.52
N GLY A 511 -6.13 -23.74 -4.30
CA GLY A 511 -6.09 -24.72 -3.19
C GLY A 511 -7.46 -25.23 -2.87
N PHE A 512 -8.43 -24.31 -2.85
CA PHE A 512 -9.83 -24.65 -2.67
C PHE A 512 -10.33 -25.68 -3.69
N VAL A 513 -10.09 -25.41 -4.97
CA VAL A 513 -10.49 -26.27 -6.04
C VAL A 513 -9.87 -27.64 -5.87
N GLU A 514 -8.59 -27.65 -5.51
CA GLU A 514 -7.82 -28.87 -5.31
C GLU A 514 -8.32 -29.66 -4.10
N PHE A 515 -8.55 -28.99 -2.99
CA PHE A 515 -9.03 -29.66 -1.79
C PHE A 515 -10.39 -30.38 -2.05
N PHE A 516 -11.26 -29.76 -2.86
CA PHE A 516 -12.57 -30.36 -3.18
C PHE A 516 -12.62 -31.11 -4.50
N HIS A 517 -11.50 -31.28 -5.18
CA HIS A 517 -11.48 -32.13 -6.35
C HIS A 517 -11.54 -33.57 -5.83
C1 GLC B . 9.25 6.13 2.95
C2 GLC B . 8.26 6.57 1.87
C3 GLC B . 7.13 5.56 1.72
C4 GLC B . 7.69 4.15 1.55
C5 GLC B . 8.64 3.76 2.67
C6 GLC B . 9.36 2.45 2.38
O1 GLC B . 8.58 6.26 4.20
O2 GLC B . 7.73 7.86 2.23
O3 GLC B . 6.32 5.91 0.59
O4 GLC B . 6.59 3.25 1.61
O5 GLC B . 9.66 4.77 2.79
O6 GLC B . 9.74 1.85 3.64
C1 GLC B . 6.05 2.77 0.38
C2 GLC B . 4.53 2.78 0.43
C3 GLC B . 4.04 1.95 1.60
C4 GLC B . 4.57 0.53 1.40
C5 GLC B . 6.10 0.54 1.29
C6 GLC B . 6.63 -0.84 0.99
O2 GLC B . 4.11 4.14 0.54
O3 GLC B . 2.60 1.96 1.62
O4 GLC B . 4.14 -0.37 2.41
O5 GLC B . 6.43 1.41 0.19
O6 GLC B . 8.04 -0.83 1.03
C10 JLB C . -22.22 -19.58 10.78
C13 JLB C . -23.10 -16.20 11.47
C15 JLB C . -20.35 -18.99 9.70
C17 JLB C . -18.53 -20.34 9.25
C20 JLB C . -25.56 -21.05 11.67
C21 JLB C . -25.26 -21.67 12.88
C22 JLB C . -23.98 -21.59 13.40
C24 JLB C . -23.97 -22.27 14.59
C26 JLB C . -25.25 -22.76 14.78
N01 JLB C . -19.13 -21.36 9.85
C02 JLB C . -20.34 -21.21 10.41
O03 JLB C . -20.93 -22.22 11.00
C04 JLB C . -20.39 -23.50 10.82
C05 JLB C . -21.59 -24.42 10.78
C06 JLB C . -19.58 -23.88 12.05
O07 JLB C . -18.54 -24.49 11.83
O08 JLB C . -19.98 -23.56 13.19
C09 JLB C . -20.99 -20.01 10.35
C11 JLB C . -22.39 -18.27 10.43
C12 JLB C . -23.61 -17.46 10.78
S14 JLB C . -21.13 -17.68 9.67
N16 JLB C . -19.13 -19.18 9.19
C18 JLB C . -23.26 -20.31 11.50
C19 JLB C . -24.56 -20.39 10.98
C23 JLB C . -22.98 -20.91 12.72
N25 JLB C . -26.00 -22.37 13.74
#